data_1OGO
#
_entry.id   1OGO
#
_cell.length_a   115.405
_cell.length_b   103.773
_cell.length_c   49.740
_cell.angle_alpha   90.00
_cell.angle_beta   90.00
_cell.angle_gamma   90.00
#
_symmetry.space_group_name_H-M   'P 21 21 2'
#
loop_
_entity.id
_entity.type
_entity.pdbx_description
1 polymer DEXTRANASE
2 branched alpha-D-glucopyranose-(1-6)-beta-D-glucopyranose
3 water water
#
_entity_poly.entity_id   1
_entity_poly.type   'polypeptide(L)'
_entity_poly.pdbx_seq_one_letter_code
;HGTTANTHCGADFCTWWHDSGEINTQTPVQPGNVRQSHKYSVQVSLAGTNNFHDSFVYESIPRNGNGRIYAPTDPPNSNT
LDSSVDDGISIEPSIGLNMAWSQFEYSHDVDVKILATDGSSLGSPSDVVIRPVSISYAISQSDDGGIVIRVPADANGRKF
SVEFKTDLYTFLSDGNEYVTSGGSVVGVEPTNALVIFASPFLPSGMIPHMTPDNTQTMTPGPINNGDWGAKSILYFPPGV
YWMNQDQSGNSGKLGSNHIRLNSNTYWVYLAPGAYVKGAIEYFTKQNFYATGHGILSGENYVYQANAGDNYIAVKSDSTS
LRMWWHNNLGGGQTWYCVGPTINAPPFNTMDFNGNSGISSQISDYKQVGAFFFQTDGPEIYPNSVVHDVFWHVNDDAIKI
YYSGASVSRATIWKCHNDPIIQMGWTSRDISGVTIDTLNVIHTRYIKSETVVPSAIIGASPFYASGMSPDSRKSISMTVS
NVVCEGLCPSLFRITPLQNYKNFVVKNVAFPDGLQTNSIGTGESIIPAASGLTMGLAISAWTIGGQKVTMENFQANSLGQ
FNIDGSYWGEWQIS
;
_entity_poly.pdbx_strand_id   X
#
loop_
_chem_comp.id
_chem_comp.type
_chem_comp.name
_chem_comp.formula
BGC D-saccharide, beta linking beta-D-glucopyranose 'C6 H12 O6'
GLC D-saccharide, alpha linking alpha-D-glucopyranose 'C6 H12 O6'
#
# COMPACT_ATOMS: atom_id res chain seq x y z
N THR A 3 -10.96 -6.83 -29.71
CA THR A 3 -10.81 -5.36 -29.44
C THR A 3 -11.94 -4.79 -28.59
N THR A 4 -13.19 -5.18 -28.86
CA THR A 4 -14.32 -4.75 -28.00
C THR A 4 -14.45 -5.71 -26.81
N ALA A 5 -14.43 -5.17 -25.60
CA ALA A 5 -14.56 -6.04 -24.42
C ALA A 5 -16.02 -6.29 -24.09
N ASN A 6 -16.25 -7.44 -23.48
CA ASN A 6 -17.58 -7.86 -23.05
C ASN A 6 -17.68 -7.75 -21.53
N THR A 7 -18.17 -6.61 -21.06
CA THR A 7 -18.32 -6.35 -19.63
C THR A 7 -19.75 -6.56 -19.16
N HIS A 8 -19.91 -6.57 -17.85
CA HIS A 8 -21.21 -6.70 -17.21
C HIS A 8 -21.26 -5.78 -16.03
N CYS A 9 -22.38 -5.08 -15.88
CA CYS A 9 -22.54 -4.22 -14.72
C CYS A 9 -23.98 -4.20 -14.26
N GLY A 10 -24.26 -4.98 -13.22
CA GLY A 10 -25.55 -4.97 -12.57
C GLY A 10 -25.32 -4.94 -11.07
N ALA A 11 -26.37 -5.30 -10.33
CA ALA A 11 -26.34 -5.34 -8.87
C ALA A 11 -25.67 -6.59 -8.33
N ASP A 12 -25.48 -7.58 -9.19
CA ASP A 12 -24.83 -8.84 -8.82
C ASP A 12 -23.31 -8.74 -8.88
N PHE A 13 -22.80 -8.25 -10.01
CA PHE A 13 -21.38 -7.87 -10.10
C PHE A 13 -21.18 -6.85 -11.19
N CYS A 14 -20.05 -6.17 -11.16
CA CYS A 14 -19.74 -5.14 -12.14
C CYS A 14 -18.27 -5.14 -12.50
N THR A 15 -17.99 -5.24 -13.80
CA THR A 15 -16.65 -5.10 -14.33
C THR A 15 -16.62 -3.95 -15.34
N TRP A 16 -15.42 -3.50 -15.67
CA TRP A 16 -15.24 -2.42 -16.64
C TRP A 16 -13.97 -2.58 -17.46
N TRP A 17 -13.84 -1.70 -18.45
CA TRP A 17 -12.77 -1.73 -19.42
C TRP A 17 -12.28 -0.31 -19.68
N HIS A 18 -11.19 -0.19 -20.41
CA HIS A 18 -10.78 1.09 -20.97
C HIS A 18 -10.42 0.89 -22.43
N ASP A 19 -10.90 1.81 -23.27
CA ASP A 19 -10.63 1.75 -24.72
C ASP A 19 -9.25 2.27 -25.09
N SER A 20 -8.44 2.67 -24.10
CA SER A 20 -7.11 3.19 -24.37
C SER A 20 -6.04 2.45 -23.58
N GLY A 21 -6.30 1.19 -23.27
CA GLY A 21 -5.29 0.33 -22.69
C GLY A 21 -4.07 0.28 -23.58
N GLU A 22 -2.90 0.26 -22.96
CA GLU A 22 -1.62 0.23 -23.66
C GLU A 22 -0.70 -0.79 -22.97
N ILE A 23 -0.22 -1.78 -23.72
CA ILE A 23 0.80 -2.72 -23.25
C ILE A 23 2.16 -2.05 -23.40
N ASN A 24 2.86 -1.89 -22.28
CA ASN A 24 4.10 -1.12 -22.25
C ASN A 24 4.82 -1.48 -20.95
N THR A 25 6.00 -2.07 -21.07
CA THR A 25 6.77 -2.52 -19.90
C THR A 25 8.02 -1.68 -19.65
N GLN A 26 8.21 -0.61 -20.43
CA GLN A 26 9.48 0.11 -20.46
C GLN A 26 9.43 1.64 -20.26
N THR A 27 8.36 2.28 -20.74
CA THR A 27 8.29 3.75 -20.80
C THR A 27 6.95 4.26 -20.29
N PRO A 28 6.75 5.58 -20.18
CA PRO A 28 5.43 6.09 -19.82
C PRO A 28 4.41 5.72 -20.89
N VAL A 29 3.18 5.42 -20.51
CA VAL A 29 2.10 5.29 -21.48
C VAL A 29 1.70 6.67 -21.99
N GLN A 30 1.00 6.72 -23.10
CA GLN A 30 0.56 8.00 -23.64
C GLN A 30 -0.38 8.62 -22.62
N PRO A 31 -0.47 9.95 -22.59
CA PRO A 31 -1.28 10.64 -21.56
C PRO A 31 -2.71 10.12 -21.37
N GLY A 32 -3.39 9.83 -22.47
CA GLY A 32 -4.76 9.35 -22.43
C GLY A 32 -4.89 7.84 -22.40
N ASN A 33 -3.75 7.13 -22.34
CA ASN A 33 -3.74 5.67 -22.28
C ASN A 33 -3.57 5.18 -20.83
N VAL A 34 -3.87 3.90 -20.61
N VAL A 34 -3.93 3.92 -20.61
CA VAL A 34 -3.77 3.30 -19.29
CA VAL A 34 -3.81 3.24 -19.32
C VAL A 34 -2.97 2.00 -19.40
C VAL A 34 -2.91 2.02 -19.47
N ARG A 35 -1.86 1.92 -18.67
CA ARG A 35 -0.98 0.76 -18.76
C ARG A 35 -1.77 -0.49 -18.37
N GLN A 36 -1.74 -1.48 -19.26
CA GLN A 36 -2.53 -2.70 -19.17
C GLN A 36 -1.59 -3.91 -19.05
N SER A 37 -1.98 -4.92 -18.30
CA SER A 37 -1.14 -6.08 -18.10
C SER A 37 -0.66 -6.70 -19.41
N HIS A 38 0.65 -6.87 -19.50
CA HIS A 38 1.30 -7.51 -20.65
C HIS A 38 1.23 -9.02 -20.57
N LYS A 39 0.72 -9.55 -19.46
CA LYS A 39 0.79 -10.99 -19.16
C LYS A 39 -0.55 -11.68 -18.85
N TYR A 40 -1.49 -10.96 -18.24
CA TYR A 40 -2.71 -11.58 -17.72
C TYR A 40 -3.99 -10.94 -18.24
N SER A 41 -5.01 -11.77 -18.44
CA SER A 41 -6.37 -11.30 -18.56
C SER A 41 -7.20 -11.88 -17.42
N VAL A 42 -8.16 -11.11 -16.96
CA VAL A 42 -9.08 -11.50 -15.90
C VAL A 42 -10.52 -11.36 -16.40
N GLN A 43 -11.34 -12.37 -16.11
CA GLN A 43 -12.77 -12.35 -16.41
C GLN A 43 -13.56 -12.79 -15.18
N VAL A 44 -14.82 -12.36 -15.10
CA VAL A 44 -15.70 -12.68 -13.98
C VAL A 44 -17.04 -13.21 -14.49
N SER A 45 -17.52 -14.27 -13.84
CA SER A 45 -18.83 -14.87 -14.12
C SER A 45 -19.53 -15.10 -12.80
N LEU A 46 -20.85 -15.00 -12.77
CA LEU A 46 -21.59 -15.55 -11.63
C LEU A 46 -21.12 -16.98 -11.38
N ALA A 47 -21.04 -17.37 -10.13
CA ALA A 47 -20.45 -18.64 -9.75
C ALA A 47 -21.15 -19.79 -10.46
N GLY A 48 -20.37 -20.64 -11.14
CA GLY A 48 -20.88 -21.83 -11.77
C GLY A 48 -21.60 -21.66 -13.09
N THR A 49 -21.79 -20.43 -13.59
CA THR A 49 -22.60 -20.19 -14.80
C THR A 49 -21.81 -20.15 -16.12
N ASN A 50 -20.49 -20.16 -16.05
CA ASN A 50 -19.65 -20.15 -17.24
C ASN A 50 -20.04 -19.04 -18.25
N ASN A 51 -20.30 -17.85 -17.72
CA ASN A 51 -20.70 -16.69 -18.50
C ASN A 51 -19.75 -15.55 -18.12
N PHE A 52 -18.54 -15.59 -18.67
CA PHE A 52 -17.42 -14.75 -18.23
C PHE A 52 -17.40 -13.42 -18.94
N HIS A 53 -17.08 -12.37 -18.19
CA HIS A 53 -17.06 -11.00 -18.67
C HIS A 53 -15.69 -10.40 -18.35
N ASP A 54 -15.18 -9.62 -19.28
CA ASP A 54 -13.87 -8.99 -19.17
C ASP A 54 -13.80 -7.98 -18.01
N SER A 55 -12.65 -8.01 -17.33
CA SER A 55 -12.32 -7.10 -16.24
C SER A 55 -10.91 -6.55 -16.52
N PHE A 56 -10.79 -5.23 -16.64
CA PHE A 56 -9.53 -4.63 -17.04
C PHE A 56 -8.44 -4.98 -16.03
N VAL A 57 -7.26 -5.33 -16.54
CA VAL A 57 -6.10 -5.55 -15.69
C VAL A 57 -5.08 -4.43 -15.90
N TYR A 58 -4.93 -3.61 -14.88
CA TYR A 58 -3.95 -2.52 -14.84
C TYR A 58 -2.57 -3.08 -14.55
N GLU A 59 -1.53 -2.33 -14.90
CA GLU A 59 -0.14 -2.70 -14.61
C GLU A 59 0.63 -1.46 -14.19
N SER A 60 1.47 -1.63 -13.17
CA SER A 60 2.36 -0.59 -12.65
C SER A 60 3.78 -1.11 -12.60
N ILE A 61 4.77 -0.29 -12.96
CA ILE A 61 6.16 -0.70 -13.04
C ILE A 61 7.08 0.22 -12.24
N PRO A 62 8.19 -0.30 -11.73
CA PRO A 62 9.14 0.55 -10.99
C PRO A 62 9.62 1.72 -11.83
N ARG A 63 9.55 2.91 -11.22
CA ARG A 63 9.86 4.19 -11.87
C ARG A 63 8.88 4.59 -12.97
N ASN A 64 7.82 3.81 -13.16
CA ASN A 64 6.68 4.24 -13.96
C ASN A 64 6.99 4.43 -15.44
N GLY A 65 8.11 3.88 -15.89
CA GLY A 65 8.56 4.10 -17.26
C GLY A 65 9.40 5.35 -17.43
N ASN A 66 9.40 6.22 -16.42
CA ASN A 66 10.19 7.47 -16.43
C ASN A 66 11.67 7.26 -16.14
N GLY A 67 12.01 6.19 -15.44
CA GLY A 67 13.39 5.93 -15.07
C GLY A 67 13.90 6.90 -14.00
N ARG A 68 15.21 7.03 -13.93
CA ARG A 68 15.88 7.91 -12.97
C ARG A 68 15.95 9.34 -13.50
N ILE A 69 14.87 10.09 -13.33
CA ILE A 69 14.77 11.48 -13.78
C ILE A 69 14.47 12.49 -12.67
N TYR A 70 15.06 13.68 -12.83
CA TYR A 70 14.96 14.76 -11.88
C TYR A 70 13.71 15.59 -12.07
N ALA A 71 13.26 15.78 -13.32
CA ALA A 71 12.07 16.60 -13.59
C ALA A 71 11.11 15.87 -14.52
N PRO A 72 9.81 16.11 -14.35
CA PRO A 72 8.77 15.37 -15.08
C PRO A 72 8.73 15.68 -16.58
N THR A 73 9.46 16.70 -16.99
CA THR A 73 9.58 17.05 -18.41
C THR A 73 10.80 16.42 -19.06
N ASP A 74 11.67 15.76 -18.29
CA ASP A 74 12.83 15.07 -18.82
C ASP A 74 12.41 13.89 -19.69
N PRO A 75 13.20 13.55 -20.70
CA PRO A 75 12.90 12.38 -21.53
C PRO A 75 12.94 11.12 -20.67
N PRO A 76 12.03 10.17 -20.87
CA PRO A 76 12.04 8.95 -20.05
C PRO A 76 13.38 8.21 -20.14
N ASN A 77 13.80 7.64 -19.02
CA ASN A 77 15.01 6.83 -18.91
C ASN A 77 16.29 7.58 -19.33
N SER A 78 16.35 8.88 -19.03
CA SER A 78 17.47 9.74 -19.41
C SER A 78 18.47 9.98 -18.28
N ASN A 79 18.25 9.37 -17.12
CA ASN A 79 19.27 9.31 -16.07
C ASN A 79 19.74 10.71 -15.62
N THR A 80 18.80 11.64 -15.49
CA THR A 80 19.11 13.00 -15.02
C THR A 80 19.06 13.11 -13.50
N LEU A 81 18.53 12.10 -12.82
CA LEU A 81 18.53 12.10 -11.38
C LEU A 81 19.97 11.86 -10.93
N ASP A 82 20.38 12.54 -9.87
CA ASP A 82 21.75 12.40 -9.41
C ASP A 82 22.06 10.95 -9.08
N SER A 83 23.20 10.47 -9.56
CA SER A 83 23.60 9.07 -9.43
C SER A 83 23.71 8.60 -7.98
N SER A 84 23.83 9.55 -7.04
CA SER A 84 23.99 9.23 -5.62
C SER A 84 22.65 9.00 -4.93
N VAL A 85 21.54 9.31 -5.60
CA VAL A 85 20.21 9.19 -5.01
C VAL A 85 19.73 7.74 -5.11
N ASP A 86 19.43 7.12 -3.97
CA ASP A 86 18.79 5.82 -3.93
C ASP A 86 17.30 6.12 -3.87
N ASP A 87 16.57 5.77 -4.93
CA ASP A 87 15.13 6.01 -4.95
C ASP A 87 14.32 4.79 -4.50
N GLY A 88 15.03 3.79 -4.01
CA GLY A 88 14.41 2.56 -3.51
C GLY A 88 14.34 1.46 -4.55
N ILE A 89 14.86 1.75 -5.73
CA ILE A 89 14.82 0.81 -6.84
C ILE A 89 16.26 0.57 -7.31
N SER A 90 16.57 -0.69 -7.52
CA SER A 90 17.89 -1.12 -7.97
C SER A 90 17.73 -2.20 -9.03
N ILE A 91 17.57 -3.44 -8.60
CA ILE A 91 17.54 -4.60 -9.50
C ILE A 91 16.18 -4.86 -10.14
N GLU A 92 15.14 -4.22 -9.62
CA GLU A 92 13.77 -4.60 -9.96
C GLU A 92 13.47 -4.48 -11.47
N PRO A 93 13.88 -3.42 -12.18
CA PRO A 93 13.64 -3.35 -13.63
C PRO A 93 14.36 -4.45 -14.41
N SER A 94 15.59 -4.78 -14.03
CA SER A 94 16.34 -5.81 -14.74
C SER A 94 15.67 -7.19 -14.63
N ILE A 95 14.92 -7.45 -13.57
CA ILE A 95 14.20 -8.72 -13.43
C ILE A 95 12.77 -8.69 -13.94
N GLY A 96 12.30 -7.51 -14.34
CA GLY A 96 10.96 -7.35 -14.90
C GLY A 96 9.89 -7.23 -13.85
N LEU A 97 10.25 -6.85 -12.62
CA LEU A 97 9.26 -6.72 -11.55
C LEU A 97 8.18 -5.71 -11.91
N ASN A 98 6.93 -6.12 -11.75
CA ASN A 98 5.78 -5.22 -11.92
C ASN A 98 4.57 -5.75 -11.12
N MET A 99 3.59 -4.89 -10.91
CA MET A 99 2.38 -5.20 -10.20
C MET A 99 1.17 -4.94 -11.07
N ALA A 100 0.46 -6.01 -11.38
CA ALA A 100 -0.80 -5.93 -12.11
C ALA A 100 -1.96 -6.15 -11.14
N TRP A 101 -3.10 -5.52 -11.42
CA TRP A 101 -4.29 -5.73 -10.61
C TRP A 101 -5.58 -5.54 -11.38
N SER A 102 -6.63 -6.20 -10.91
CA SER A 102 -7.98 -6.02 -11.46
C SER A 102 -8.97 -5.84 -10.31
N GLN A 103 -9.89 -4.89 -10.47
CA GLN A 103 -10.95 -4.66 -9.50
C GLN A 103 -12.30 -4.84 -10.17
N PHE A 104 -13.20 -5.51 -9.47
CA PHE A 104 -14.62 -5.56 -9.83
C PHE A 104 -15.46 -5.41 -8.57
N GLU A 105 -16.74 -5.14 -8.75
CA GLU A 105 -17.69 -5.05 -7.65
C GLU A 105 -18.58 -6.28 -7.67
N TYR A 106 -18.98 -6.76 -6.49
CA TYR A 106 -19.84 -7.93 -6.41
C TYR A 106 -20.66 -7.98 -5.14
N SER A 107 -21.78 -8.69 -5.23
CA SER A 107 -22.63 -9.02 -4.08
C SER A 107 -23.09 -10.49 -4.08
N HIS A 108 -22.64 -11.30 -5.03
CA HIS A 108 -22.92 -12.72 -5.07
C HIS A 108 -21.66 -13.49 -5.44
N ASP A 109 -21.59 -14.75 -5.05
CA ASP A 109 -20.47 -15.61 -5.38
C ASP A 109 -20.14 -15.49 -6.88
N VAL A 110 -18.86 -15.28 -7.21
CA VAL A 110 -18.40 -15.29 -8.59
C VAL A 110 -17.26 -16.27 -8.82
N ASP A 111 -17.01 -16.59 -10.09
CA ASP A 111 -15.79 -17.24 -10.51
C ASP A 111 -14.93 -16.17 -11.18
N VAL A 112 -13.65 -16.16 -10.83
CA VAL A 112 -12.66 -15.26 -11.42
C VAL A 112 -11.73 -16.14 -12.24
N LYS A 113 -11.66 -15.91 -13.56
CA LYS A 113 -10.83 -16.69 -14.44
C LYS A 113 -9.63 -15.88 -14.90
N ILE A 114 -8.46 -16.48 -14.75
CA ILE A 114 -7.20 -15.89 -15.19
C ILE A 114 -6.58 -16.69 -16.33
N LEU A 115 -6.16 -15.97 -17.36
CA LEU A 115 -5.43 -16.52 -18.49
C LEU A 115 -4.17 -15.73 -18.73
N ALA A 116 -3.16 -16.40 -19.26
CA ALA A 116 -1.99 -15.74 -19.80
C ALA A 116 -2.36 -15.22 -21.17
N THR A 117 -2.03 -13.96 -21.44
CA THR A 117 -2.45 -13.34 -22.70
C THR A 117 -1.71 -13.89 -23.91
N ASP A 118 -0.55 -14.51 -23.70
CA ASP A 118 0.17 -15.17 -24.79
C ASP A 118 -0.35 -16.58 -25.12
N GLY A 119 -1.40 -17.02 -24.42
CA GLY A 119 -2.03 -18.30 -24.69
C GLY A 119 -1.45 -19.49 -23.93
N SER A 120 -0.32 -19.27 -23.26
CA SER A 120 0.40 -20.34 -22.56
C SER A 120 -0.28 -20.76 -21.26
N SER A 121 0.28 -21.80 -20.62
CA SER A 121 -0.20 -22.25 -19.32
C SER A 121 0.45 -21.49 -18.17
N LEU A 122 -0.36 -21.17 -17.17
CA LEU A 122 0.08 -20.54 -15.93
C LEU A 122 0.57 -21.57 -14.90
N GLY A 123 0.37 -22.85 -15.22
CA GLY A 123 0.64 -23.96 -14.30
C GLY A 123 -0.65 -24.69 -13.98
N SER A 124 -0.57 -25.69 -13.12
CA SER A 124 -1.77 -26.35 -12.60
C SER A 124 -2.23 -25.62 -11.33
N PRO A 125 -3.43 -25.92 -10.83
CA PRO A 125 -3.90 -25.29 -9.59
C PRO A 125 -2.99 -25.53 -8.38
N SER A 126 -2.29 -26.66 -8.34
CA SER A 126 -1.34 -26.94 -7.26
C SER A 126 -0.11 -26.01 -7.27
N ASP A 127 0.13 -25.37 -8.41
CA ASP A 127 1.19 -24.38 -8.56
C ASP A 127 0.74 -22.97 -8.18
N VAL A 128 -0.52 -22.81 -7.76
CA VAL A 128 -1.08 -21.49 -7.46
C VAL A 128 -1.20 -21.31 -5.95
N VAL A 129 -0.69 -20.19 -5.46
CA VAL A 129 -0.83 -19.76 -4.08
C VAL A 129 -1.56 -18.41 -4.06
N ILE A 130 -2.54 -18.28 -3.18
CA ILE A 130 -3.27 -17.02 -2.99
C ILE A 130 -2.95 -16.49 -1.60
N ARG A 131 -2.42 -15.27 -1.54
CA ARG A 131 -2.12 -14.62 -0.27
C ARG A 131 -3.08 -13.46 -0.07
N PRO A 132 -3.53 -13.20 1.16
CA PRO A 132 -3.06 -13.86 2.39
C PRO A 132 -3.56 -15.30 2.51
N VAL A 133 -2.70 -16.17 3.03
CA VAL A 133 -3.01 -17.58 3.12
C VAL A 133 -4.04 -17.89 4.20
N SER A 134 -4.36 -16.90 5.04
CA SER A 134 -5.41 -17.04 6.05
C SER A 134 -6.78 -17.36 5.45
N ILE A 135 -7.00 -16.95 4.20
CA ILE A 135 -8.26 -17.19 3.49
C ILE A 135 -7.96 -18.06 2.26
N SER A 136 -8.47 -19.30 2.26
CA SER A 136 -8.20 -20.27 1.20
C SER A 136 -9.30 -20.16 0.16
N TYR A 137 -8.95 -20.50 -1.08
CA TYR A 137 -9.89 -20.52 -2.19
C TYR A 137 -9.92 -21.87 -2.88
N ALA A 138 -11.09 -22.23 -3.39
CA ALA A 138 -11.22 -23.32 -4.34
C ALA A 138 -10.67 -22.87 -5.69
N ILE A 139 -9.67 -23.58 -6.19
CA ILE A 139 -9.02 -23.25 -7.45
C ILE A 139 -9.08 -24.45 -8.40
N SER A 140 -9.51 -24.19 -9.63
CA SER A 140 -9.59 -25.22 -10.65
C SER A 140 -8.97 -24.76 -11.96
N GLN A 141 -8.80 -25.70 -12.87
CA GLN A 141 -8.21 -25.42 -14.16
C GLN A 141 -9.29 -25.58 -15.22
N SER A 142 -9.42 -24.58 -16.07
CA SER A 142 -10.30 -24.66 -17.24
C SER A 142 -9.55 -25.35 -18.36
N ASP A 143 -10.28 -25.88 -19.33
CA ASP A 143 -9.67 -26.71 -20.37
C ASP A 143 -8.77 -25.94 -21.34
N ASP A 144 -8.92 -24.61 -21.36
CA ASP A 144 -8.03 -23.75 -22.15
C ASP A 144 -6.77 -23.32 -21.39
N GLY A 145 -6.53 -23.93 -20.22
CA GLY A 145 -5.33 -23.69 -19.45
C GLY A 145 -5.49 -22.59 -18.43
N GLY A 146 -6.68 -22.02 -18.37
CA GLY A 146 -6.97 -20.97 -17.42
C GLY A 146 -7.01 -21.49 -16.00
N ILE A 147 -7.00 -20.55 -15.06
CA ILE A 147 -7.16 -20.82 -13.66
C ILE A 147 -8.44 -20.12 -13.18
N VAL A 148 -9.29 -20.85 -12.47
CA VAL A 148 -10.58 -20.32 -12.03
C VAL A 148 -10.62 -20.36 -10.51
N ILE A 149 -10.96 -19.22 -9.92
CA ILE A 149 -11.03 -19.06 -8.47
C ILE A 149 -12.46 -18.76 -8.08
N ARG A 150 -13.03 -19.58 -7.20
CA ARG A 150 -14.34 -19.27 -6.65
C ARG A 150 -14.20 -18.28 -5.54
N VAL A 151 -14.76 -17.09 -5.72
CA VAL A 151 -14.75 -16.04 -4.72
C VAL A 151 -16.14 -15.88 -4.11
N PRO A 152 -16.33 -16.35 -2.88
CA PRO A 152 -17.62 -16.16 -2.20
C PRO A 152 -17.94 -14.70 -1.91
N ALA A 153 -19.23 -14.37 -1.96
CA ALA A 153 -19.74 -13.09 -1.50
C ALA A 153 -19.24 -12.84 -0.09
N ASP A 154 -18.89 -11.59 0.19
CA ASP A 154 -18.35 -11.18 1.47
C ASP A 154 -18.61 -9.68 1.61
N ALA A 155 -19.25 -9.30 2.72
CA ALA A 155 -19.60 -7.91 2.98
C ALA A 155 -18.37 -7.01 3.02
N ASN A 156 -17.23 -7.60 3.39
CA ASN A 156 -15.96 -6.88 3.50
C ASN A 156 -15.12 -6.98 2.22
N GLY A 157 -15.62 -7.71 1.22
CA GLY A 157 -14.88 -8.00 0.00
C GLY A 157 -13.71 -8.94 0.23
N ARG A 158 -12.92 -9.12 -0.83
CA ARG A 158 -11.67 -9.87 -0.76
C ARG A 158 -10.60 -9.10 -1.53
N LYS A 159 -9.38 -9.12 -1.02
CA LYS A 159 -8.25 -8.45 -1.67
C LYS A 159 -7.07 -9.41 -1.55
N PHE A 160 -6.68 -10.00 -2.67
CA PHE A 160 -5.70 -11.08 -2.64
C PHE A 160 -4.73 -11.08 -3.83
N SER A 161 -3.57 -11.70 -3.61
CA SER A 161 -2.52 -11.85 -4.60
C SER A 161 -2.53 -13.29 -5.13
N VAL A 162 -2.59 -13.44 -6.44
CA VAL A 162 -2.53 -14.75 -7.09
C VAL A 162 -1.13 -14.97 -7.63
N GLU A 163 -0.49 -16.05 -7.19
CA GLU A 163 0.94 -16.25 -7.38
C GLU A 163 1.22 -17.63 -8.00
N PHE A 164 1.92 -17.63 -9.12
CA PHE A 164 2.18 -18.85 -9.91
C PHE A 164 3.61 -19.31 -9.70
N LYS A 165 3.78 -20.59 -9.38
CA LYS A 165 5.09 -21.12 -9.01
C LYS A 165 6.22 -20.78 -10.00
N THR A 166 6.00 -20.99 -11.30
CA THR A 166 7.07 -20.78 -12.29
C THR A 166 7.33 -19.31 -12.57
N ASP A 167 6.49 -18.44 -12.01
CA ASP A 167 6.67 -17.00 -12.15
C ASP A 167 7.45 -16.36 -11.00
N LEU A 168 7.62 -17.09 -9.90
CA LEU A 168 8.26 -16.55 -8.70
C LEU A 168 9.74 -16.21 -8.88
N TYR A 169 10.12 -15.05 -8.37
CA TYR A 169 11.48 -14.58 -8.34
C TYR A 169 11.98 -14.64 -6.91
N THR A 170 13.22 -15.08 -6.77
CA THR A 170 13.89 -15.15 -5.46
C THR A 170 14.83 -13.97 -5.29
N PHE A 171 14.46 -13.05 -4.41
CA PHE A 171 15.32 -11.93 -4.04
C PHE A 171 16.45 -12.42 -3.16
N LEU A 172 17.68 -12.08 -3.57
CA LEU A 172 18.89 -12.47 -2.88
C LEU A 172 19.63 -11.21 -2.48
N SER A 173 20.20 -11.22 -1.28
CA SER A 173 20.93 -10.08 -0.77
C SER A 173 22.26 -10.52 -0.17
N ASP A 174 23.28 -9.68 -0.33
CA ASP A 174 24.56 -9.85 0.34
C ASP A 174 24.62 -9.02 1.63
N GLY A 175 23.48 -8.52 2.08
CA GLY A 175 23.38 -7.63 3.23
C GLY A 175 23.58 -6.15 2.95
N ASN A 176 23.95 -5.81 1.72
CA ASN A 176 24.14 -4.43 1.29
C ASN A 176 23.35 -4.06 0.03
N GLU A 177 23.31 -4.97 -0.92
CA GLU A 177 22.51 -4.82 -2.13
C GLU A 177 21.94 -6.17 -2.56
N TYR A 178 20.91 -6.11 -3.39
CA TYR A 178 20.42 -7.31 -4.05
C TYR A 178 21.48 -7.82 -5.02
N VAL A 179 21.60 -9.13 -5.12
CA VAL A 179 22.55 -9.78 -6.02
C VAL A 179 21.83 -10.79 -6.91
N THR A 180 22.39 -11.09 -8.06
CA THR A 180 21.73 -11.97 -9.02
C THR A 180 22.00 -13.44 -8.72
N SER A 181 23.01 -13.72 -7.92
CA SER A 181 23.27 -15.06 -7.40
C SER A 181 24.06 -14.95 -6.10
N GLY A 182 24.14 -16.06 -5.38
CA GLY A 182 24.81 -16.11 -4.10
C GLY A 182 23.99 -15.38 -3.06
N GLY A 183 24.66 -14.90 -2.01
CA GLY A 183 24.00 -14.21 -0.93
C GLY A 183 22.98 -15.07 -0.23
N SER A 184 21.97 -14.41 0.33
CA SER A 184 20.93 -15.08 1.11
C SER A 184 19.55 -14.70 0.60
N VAL A 185 18.62 -15.64 0.72
CA VAL A 185 17.23 -15.42 0.31
C VAL A 185 16.55 -14.49 1.30
N VAL A 186 16.01 -13.40 0.79
CA VAL A 186 15.29 -12.43 1.61
C VAL A 186 13.82 -12.29 1.20
N GLY A 187 13.42 -12.97 0.13
CA GLY A 187 12.04 -12.94 -0.28
C GLY A 187 11.79 -13.74 -1.55
N VAL A 188 10.59 -14.28 -1.68
CA VAL A 188 10.17 -14.99 -2.89
C VAL A 188 8.78 -14.47 -3.22
N GLU A 189 8.65 -13.87 -4.39
CA GLU A 189 7.38 -13.28 -4.79
C GLU A 189 7.29 -13.25 -6.31
N PRO A 190 6.09 -13.07 -6.83
CA PRO A 190 5.92 -13.00 -8.28
C PRO A 190 6.83 -11.99 -8.99
N THR A 191 7.38 -12.41 -10.12
CA THR A 191 7.95 -11.47 -11.05
C THR A 191 6.84 -10.55 -11.57
N ASN A 192 5.71 -11.17 -11.90
CA ASN A 192 4.58 -10.52 -12.48
C ASN A 192 3.40 -10.66 -11.51
N ALA A 193 3.33 -9.75 -10.55
CA ALA A 193 2.28 -9.83 -9.53
C ALA A 193 0.92 -9.60 -10.15
N LEU A 194 -0.08 -10.29 -9.63
CA LEU A 194 -1.48 -10.11 -10.04
C LEU A 194 -2.35 -10.06 -8.79
N VAL A 195 -2.94 -8.91 -8.56
CA VAL A 195 -3.75 -8.69 -7.37
C VAL A 195 -5.20 -8.50 -7.81
N ILE A 196 -6.11 -9.15 -7.10
CA ILE A 196 -7.54 -9.06 -7.39
C ILE A 196 -8.24 -8.37 -6.22
N PHE A 197 -8.99 -7.33 -6.54
CA PHE A 197 -9.82 -6.61 -5.58
C PHE A 197 -11.27 -6.91 -5.89
N ALA A 198 -11.83 -7.85 -5.15
CA ALA A 198 -13.26 -8.18 -5.23
C ALA A 198 -13.97 -7.32 -4.18
N SER A 199 -14.52 -6.20 -4.63
CA SER A 199 -14.98 -5.17 -3.72
C SER A 199 -16.49 -5.21 -3.58
N PRO A 200 -17.01 -4.97 -2.38
CA PRO A 200 -18.46 -4.82 -2.21
C PRO A 200 -18.88 -3.52 -2.87
N PHE A 201 -20.12 -3.45 -3.35
CA PHE A 201 -20.65 -2.18 -3.78
C PHE A 201 -20.58 -1.21 -2.61
N LEU A 202 -20.39 0.07 -2.91
CA LEU A 202 -20.26 1.11 -1.90
C LEU A 202 -21.54 1.18 -1.06
N PRO A 203 -21.39 1.51 0.22
CA PRO A 203 -22.57 1.88 1.02
C PRO A 203 -23.27 3.05 0.35
N SER A 204 -24.59 2.98 0.26
CA SER A 204 -25.41 4.02 -0.40
C SER A 204 -25.00 5.45 -0.06
N GLY A 205 -24.75 5.73 1.22
CA GLY A 205 -24.37 7.06 1.66
C GLY A 205 -23.04 7.56 1.13
N MET A 206 -22.16 6.64 0.70
CA MET A 206 -20.85 6.99 0.20
C MET A 206 -20.81 7.27 -1.32
N ILE A 207 -21.96 7.12 -1.98
CA ILE A 207 -22.13 7.66 -3.32
C ILE A 207 -22.99 8.91 -3.17
N PRO A 208 -22.41 10.09 -3.39
CA PRO A 208 -23.14 11.32 -3.13
C PRO A 208 -24.22 11.53 -4.18
N HIS A 209 -25.36 12.10 -3.77
CA HIS A 209 -26.41 12.43 -4.70
C HIS A 209 -26.02 13.72 -5.42
N MET A 210 -25.90 13.63 -6.74
CA MET A 210 -25.34 14.69 -7.56
C MET A 210 -26.44 15.45 -8.29
N THR A 211 -26.25 16.76 -8.43
CA THR A 211 -27.08 17.61 -9.27
C THR A 211 -26.14 18.55 -10.05
N PRO A 212 -26.65 19.25 -11.07
CA PRO A 212 -25.80 20.17 -11.86
C PRO A 212 -25.12 21.27 -11.03
N ASP A 213 -25.82 21.80 -10.03
CA ASP A 213 -25.27 22.86 -9.18
C ASP A 213 -24.40 22.29 -8.07
N ASN A 214 -24.64 21.03 -7.75
CA ASN A 214 -23.95 20.30 -6.67
C ASN A 214 -22.61 19.70 -7.06
N THR A 215 -22.43 19.41 -8.36
CA THR A 215 -21.38 18.52 -8.85
C THR A 215 -20.73 19.06 -10.12
N GLN A 216 -19.40 19.19 -10.08
CA GLN A 216 -18.60 19.38 -11.28
C GLN A 216 -18.30 18.01 -11.90
N THR A 217 -19.00 17.70 -12.99
CA THR A 217 -18.75 16.49 -13.75
C THR A 217 -17.59 16.70 -14.72
N MET A 218 -16.49 15.97 -14.52
CA MET A 218 -15.30 16.09 -15.36
C MET A 218 -15.45 15.34 -16.70
N THR A 219 -14.69 15.78 -17.69
CA THR A 219 -14.69 15.21 -19.04
C THR A 219 -13.37 14.49 -19.33
N PRO A 220 -13.41 13.21 -19.66
CA PRO A 220 -12.18 12.47 -19.95
C PRO A 220 -11.29 13.22 -20.94
N GLY A 221 -10.00 13.28 -20.64
CA GLY A 221 -9.06 14.09 -21.39
C GLY A 221 -8.09 14.83 -20.50
N PRO A 222 -7.38 15.80 -21.06
CA PRO A 222 -6.40 16.57 -20.28
C PRO A 222 -7.09 17.37 -19.19
N ILE A 223 -6.56 17.34 -17.97
CA ILE A 223 -7.02 18.22 -16.91
C ILE A 223 -6.13 19.45 -16.96
N ASN A 224 -6.71 20.54 -17.49
CA ASN A 224 -6.05 21.83 -17.45
C ASN A 224 -6.48 22.57 -16.17
N ASN A 225 -5.70 23.57 -15.80
CA ASN A 225 -5.90 24.30 -14.54
C ASN A 225 -7.30 24.91 -14.38
N GLY A 226 -7.86 24.75 -13.19
CA GLY A 226 -9.22 25.19 -12.90
C GLY A 226 -10.34 24.31 -13.42
N ASP A 227 -10.07 23.31 -14.27
CA ASP A 227 -11.14 22.47 -14.82
C ASP A 227 -11.98 21.78 -13.76
N TRP A 228 -11.44 21.63 -12.55
CA TRP A 228 -12.16 20.96 -11.47
C TRP A 228 -13.18 21.86 -10.76
N GLY A 229 -13.19 23.14 -11.10
CA GLY A 229 -14.28 24.02 -10.69
C GLY A 229 -14.34 24.26 -9.19
N ALA A 230 -15.53 24.61 -8.70
CA ALA A 230 -15.74 24.97 -7.30
C ALA A 230 -17.10 24.54 -6.78
N LYS A 231 -17.51 23.32 -7.13
CA LYS A 231 -18.76 22.76 -6.65
C LYS A 231 -18.51 21.92 -5.41
N SER A 232 -19.59 21.46 -4.76
CA SER A 232 -19.48 20.64 -3.56
C SER A 232 -18.74 19.33 -3.86
N ILE A 233 -18.99 18.79 -5.06
CA ILE A 233 -18.50 17.47 -5.44
C ILE A 233 -17.71 17.59 -6.74
N LEU A 234 -16.56 16.91 -6.79
CA LEU A 234 -15.78 16.73 -8.01
C LEU A 234 -15.94 15.27 -8.42
N TYR A 235 -16.55 15.06 -9.59
CA TYR A 235 -16.93 13.74 -10.06
C TYR A 235 -16.11 13.42 -11.31
N PHE A 236 -15.36 12.33 -11.24
CA PHE A 236 -14.70 11.73 -12.42
C PHE A 236 -15.49 10.49 -12.83
N PRO A 237 -16.35 10.61 -13.85
CA PRO A 237 -17.05 9.43 -14.39
C PRO A 237 -16.04 8.55 -15.11
N PRO A 238 -16.44 7.38 -15.57
CA PRO A 238 -15.52 6.48 -16.26
C PRO A 238 -14.78 7.17 -17.41
N GLY A 239 -13.49 6.90 -17.50
CA GLY A 239 -12.60 7.53 -18.47
C GLY A 239 -11.21 7.73 -17.93
N VAL A 240 -10.33 8.27 -18.77
CA VAL A 240 -8.95 8.53 -18.38
C VAL A 240 -8.69 10.03 -18.38
N TYR A 241 -8.04 10.50 -17.31
CA TYR A 241 -7.78 11.93 -17.08
C TYR A 241 -6.32 12.10 -16.67
N TRP A 242 -5.71 13.24 -16.97
CA TRP A 242 -4.30 13.45 -16.64
C TRP A 242 -3.96 14.92 -16.48
N MET A 243 -3.17 15.25 -15.46
CA MET A 243 -2.72 16.62 -15.31
C MET A 243 -1.92 16.96 -16.58
N ASN A 244 -2.29 18.06 -17.24
CA ASN A 244 -1.74 18.39 -18.56
C ASN A 244 -0.96 19.70 -18.58
N GLN A 245 -1.05 20.46 -17.50
CA GLN A 245 -0.37 21.75 -17.41
C GLN A 245 0.49 21.86 -16.17
N ASP A 246 1.46 22.76 -16.24
CA ASP A 246 2.11 23.25 -15.03
C ASP A 246 1.24 24.31 -14.34
N GLN A 247 1.74 24.88 -13.24
CA GLN A 247 0.93 25.77 -12.42
C GLN A 247 0.63 27.10 -13.12
N SER A 248 1.51 27.48 -14.05
CA SER A 248 1.36 28.73 -14.80
C SER A 248 0.42 28.59 -16.00
N GLY A 249 -0.06 27.39 -16.28
CA GLY A 249 -1.02 27.15 -17.36
C GLY A 249 -0.45 26.64 -18.68
N ASN A 250 0.83 26.30 -18.72
CA ASN A 250 1.47 25.73 -19.93
C ASN A 250 1.15 24.25 -20.27
N SER A 251 0.58 24.01 -21.44
CA SER A 251 0.04 22.70 -21.82
C SER A 251 1.06 21.67 -22.31
N GLY A 252 0.68 20.39 -22.24
CA GLY A 252 1.54 19.30 -22.65
C GLY A 252 2.64 18.93 -21.67
N LYS A 253 2.45 19.32 -20.41
CA LYS A 253 3.37 18.95 -19.36
C LYS A 253 2.65 18.05 -18.37
N LEU A 254 3.15 16.83 -18.24
CA LEU A 254 2.61 15.85 -17.29
C LEU A 254 3.33 15.96 -15.94
N GLY A 255 2.64 15.56 -14.87
CA GLY A 255 3.25 15.48 -13.54
C GLY A 255 3.85 16.79 -13.05
N SER A 256 3.26 17.90 -13.49
CA SER A 256 3.79 19.24 -13.23
C SER A 256 2.76 20.13 -12.49
N ASN A 257 1.72 19.52 -11.94
CA ASN A 257 0.70 20.19 -11.13
C ASN A 257 -0.07 19.12 -10.37
N HIS A 258 -0.84 19.54 -9.36
CA HIS A 258 -1.89 18.72 -8.77
C HIS A 258 -3.19 19.51 -8.62
N ILE A 259 -4.24 18.82 -8.18
CA ILE A 259 -5.56 19.41 -8.02
C ILE A 259 -5.65 20.07 -6.65
N ARG A 260 -5.38 21.38 -6.63
CA ARG A 260 -5.66 22.20 -5.46
C ARG A 260 -7.12 22.60 -5.51
N LEU A 261 -7.94 21.89 -4.74
CA LEU A 261 -9.37 22.07 -4.73
C LEU A 261 -9.75 23.43 -4.16
N ASN A 262 -10.87 23.95 -4.64
CA ASN A 262 -11.55 25.05 -3.98
C ASN A 262 -12.14 24.62 -2.64
N SER A 263 -12.33 25.57 -1.73
CA SER A 263 -12.84 25.30 -0.38
C SER A 263 -14.24 24.72 -0.39
N ASN A 264 -15.00 25.06 -1.43
CA ASN A 264 -16.36 24.52 -1.60
C ASN A 264 -16.37 23.01 -1.75
N THR A 265 -15.31 22.46 -2.32
CA THR A 265 -15.30 21.08 -2.75
C THR A 265 -14.88 20.16 -1.60
N TYR A 266 -15.85 19.45 -1.03
CA TYR A 266 -15.61 18.55 0.09
C TYR A 266 -15.69 17.06 -0.28
N TRP A 267 -15.88 16.75 -1.56
CA TRP A 267 -16.07 15.36 -1.94
C TRP A 267 -15.46 15.09 -3.31
N VAL A 268 -14.57 14.11 -3.38
CA VAL A 268 -14.03 13.64 -4.65
C VAL A 268 -14.59 12.24 -4.88
N TYR A 269 -15.28 12.05 -6.01
CA TYR A 269 -15.89 10.77 -6.34
C TYR A 269 -15.23 10.24 -7.60
N LEU A 270 -14.62 9.07 -7.47
CA LEU A 270 -13.99 8.37 -8.58
C LEU A 270 -14.86 7.16 -8.95
N ALA A 271 -15.52 7.25 -10.09
CA ALA A 271 -16.37 6.18 -10.58
C ALA A 271 -15.56 4.92 -10.80
N PRO A 272 -16.18 3.76 -10.72
CA PRO A 272 -15.54 2.53 -11.18
C PRO A 272 -15.20 2.73 -12.66
N GLY A 273 -13.96 2.50 -13.04
CA GLY A 273 -13.52 2.72 -14.41
C GLY A 273 -13.02 4.13 -14.69
N ALA A 274 -12.95 4.98 -13.67
CA ALA A 274 -12.20 6.23 -13.78
C ALA A 274 -10.72 6.02 -13.43
N TYR A 275 -9.84 6.67 -14.18
CA TYR A 275 -8.41 6.55 -14.00
C TYR A 275 -7.82 7.95 -14.12
N VAL A 276 -7.36 8.52 -13.00
CA VAL A 276 -6.90 9.90 -12.92
C VAL A 276 -5.42 9.99 -12.58
N LYS A 277 -4.62 10.49 -13.52
CA LYS A 277 -3.19 10.74 -13.28
C LYS A 277 -3.05 12.13 -12.65
N GLY A 278 -2.89 12.15 -11.33
CA GLY A 278 -2.88 13.38 -10.58
C GLY A 278 -2.83 13.10 -9.08
N ALA A 279 -3.16 14.12 -8.30
CA ALA A 279 -3.15 14.03 -6.85
C ALA A 279 -4.07 15.11 -6.31
N ILE A 280 -4.62 14.90 -5.11
CA ILE A 280 -5.70 15.72 -4.59
C ILE A 280 -5.26 16.43 -3.31
N GLU A 281 -5.38 17.76 -3.30
CA GLU A 281 -5.19 18.54 -2.07
C GLU A 281 -6.50 19.25 -1.75
N TYR A 282 -7.09 18.90 -0.61
CA TYR A 282 -8.32 19.50 -0.13
C TYR A 282 -8.03 20.83 0.58
N PHE A 283 -9.02 21.73 0.56
CA PHE A 283 -8.95 23.02 1.28
C PHE A 283 -10.16 23.30 2.19
N THR A 284 -11.25 22.52 2.05
CA THR A 284 -12.48 22.69 2.85
C THR A 284 -12.25 22.55 4.36
N LYS A 285 -13.22 23.04 5.14
CA LYS A 285 -13.18 22.93 6.60
C LYS A 285 -14.37 22.11 7.12
N GLN A 286 -15.13 21.52 6.21
CA GLN A 286 -16.20 20.61 6.58
C GLN A 286 -15.58 19.21 6.55
N ASN A 287 -16.36 18.19 6.90
CA ASN A 287 -15.89 16.81 6.71
C ASN A 287 -15.72 16.60 5.21
N PHE A 288 -14.63 15.91 4.83
CA PHE A 288 -14.29 15.76 3.42
C PHE A 288 -14.12 14.28 3.04
N TYR A 289 -14.29 13.98 1.75
CA TYR A 289 -14.51 12.61 1.28
C TYR A 289 -13.66 12.30 0.04
N ALA A 290 -13.12 11.08 0.01
CA ALA A 290 -12.66 10.44 -1.22
C ALA A 290 -13.33 9.07 -1.32
N THR A 291 -14.29 8.90 -2.22
CA THR A 291 -15.00 7.63 -2.35
C THR A 291 -15.12 7.20 -3.79
N GLY A 292 -15.48 5.94 -3.99
CA GLY A 292 -15.64 5.38 -5.32
C GLY A 292 -14.52 4.43 -5.72
N HIS A 293 -14.82 3.60 -6.71
CA HIS A 293 -13.94 2.51 -7.09
C HIS A 293 -13.02 2.81 -8.27
N GLY A 294 -12.73 4.09 -8.50
CA GLY A 294 -11.74 4.48 -9.49
C GLY A 294 -10.36 4.49 -8.91
N ILE A 295 -9.41 4.97 -9.71
CA ILE A 295 -7.99 4.99 -9.37
C ILE A 295 -7.43 6.41 -9.48
N LEU A 296 -6.59 6.77 -8.52
CA LEU A 296 -5.78 7.99 -8.56
C LEU A 296 -4.31 7.58 -8.66
N SER A 297 -3.64 7.99 -9.73
CA SER A 297 -2.29 7.53 -10.03
C SER A 297 -1.24 8.65 -10.06
N GLY A 298 -0.12 8.44 -9.39
CA GLY A 298 0.99 9.37 -9.39
C GLY A 298 2.09 9.06 -10.40
N GLU A 299 1.75 8.27 -11.41
CA GLU A 299 2.73 7.70 -12.31
C GLU A 299 3.51 8.72 -13.14
N ASN A 300 2.93 9.91 -13.32
CA ASN A 300 3.61 10.98 -14.06
C ASN A 300 4.55 11.82 -13.19
N TYR A 301 4.50 11.64 -11.86
CA TYR A 301 5.36 12.37 -10.93
C TYR A 301 6.72 11.67 -10.74
N VAL A 302 7.81 12.44 -10.72
CA VAL A 302 9.14 11.96 -10.39
C VAL A 302 9.22 11.66 -8.89
N TYR A 303 10.23 10.88 -8.51
CA TYR A 303 10.48 10.56 -7.11
C TYR A 303 10.55 11.83 -6.27
N GLN A 304 9.78 11.87 -5.18
CA GLN A 304 9.76 13.01 -4.23
C GLN A 304 9.22 14.32 -4.81
N ALA A 305 8.49 14.23 -5.91
CA ALA A 305 8.04 15.43 -6.65
C ALA A 305 7.65 16.58 -5.71
N ASN A 306 8.37 17.69 -5.82
CA ASN A 306 8.22 18.79 -4.87
C ASN A 306 7.19 19.80 -5.37
N ALA A 307 6.01 19.80 -4.77
CA ALA A 307 4.89 20.65 -5.20
C ALA A 307 5.09 22.15 -4.92
N GLY A 308 6.13 22.47 -4.14
CA GLY A 308 6.51 23.84 -3.87
C GLY A 308 7.74 24.24 -4.67
N ASP A 309 8.18 23.39 -5.59
CA ASP A 309 9.33 23.67 -6.44
C ASP A 309 9.25 22.94 -7.81
N ASN A 310 8.19 23.23 -8.56
CA ASN A 310 8.03 22.77 -9.95
C ASN A 310 8.02 21.24 -10.10
N TYR A 311 7.63 20.56 -9.04
CA TYR A 311 7.45 19.10 -9.04
C TYR A 311 8.69 18.29 -9.42
N ILE A 312 9.87 18.80 -9.06
CA ILE A 312 11.14 18.13 -9.31
C ILE A 312 11.52 17.25 -8.12
N ALA A 313 12.60 16.48 -8.27
CA ALA A 313 12.92 15.38 -7.37
C ALA A 313 13.75 15.81 -6.18
N VAL A 314 13.31 16.86 -5.49
CA VAL A 314 13.99 17.37 -4.30
C VAL A 314 13.09 17.15 -3.11
N LYS A 315 13.57 16.37 -2.15
CA LYS A 315 12.77 16.02 -1.00
C LYS A 315 12.46 17.24 -0.17
N SER A 316 11.19 17.43 0.15
CA SER A 316 10.77 18.32 1.23
C SER A 316 9.68 17.65 2.05
N ASP A 317 9.89 17.57 3.37
CA ASP A 317 8.88 17.00 4.24
C ASP A 317 7.59 17.78 4.21
N SER A 318 7.67 19.10 4.01
CA SER A 318 6.47 19.92 4.01
C SER A 318 5.79 20.04 2.65
N THR A 319 6.55 20.06 1.55
CA THR A 319 5.94 20.32 0.23
C THR A 319 6.07 19.23 -0.84
N SER A 320 6.71 18.10 -0.55
CA SER A 320 6.71 17.02 -1.53
C SER A 320 5.30 16.47 -1.58
N LEU A 321 4.92 16.01 -2.76
CA LEU A 321 3.53 15.80 -3.08
C LEU A 321 2.96 14.51 -2.46
N ARG A 322 1.89 14.67 -1.69
CA ARG A 322 1.02 13.59 -1.23
C ARG A 322 -0.06 13.30 -2.25
N MET A 323 -0.55 12.07 -2.26
CA MET A 323 -1.70 11.72 -3.10
C MET A 323 -2.99 12.31 -2.54
N TRP A 324 -3.12 12.33 -1.22
CA TRP A 324 -4.28 12.90 -0.53
C TRP A 324 -3.71 13.87 0.49
N TRP A 325 -4.09 15.14 0.39
CA TRP A 325 -3.35 16.20 1.06
C TRP A 325 -4.31 17.24 1.60
N HIS A 326 -3.89 17.91 2.66
CA HIS A 326 -4.61 19.05 3.22
C HIS A 326 -3.58 19.85 4.00
N ASN A 327 -3.57 21.17 3.82
CA ASN A 327 -2.65 22.01 4.59
C ASN A 327 -3.38 23.18 5.25
N ASN A 328 -4.69 23.05 5.42
CA ASN A 328 -5.51 24.17 5.86
C ASN A 328 -6.55 23.82 6.88
N LEU A 329 -6.07 23.18 7.95
CA LEU A 329 -6.58 23.47 9.30
C LEU A 329 -8.03 23.04 9.41
N GLY A 330 -8.83 23.84 10.11
CA GLY A 330 -10.22 23.51 10.43
C GLY A 330 -10.28 23.07 11.88
N GLY A 331 -11.02 21.99 12.12
CA GLY A 331 -11.16 21.40 13.45
C GLY A 331 -12.42 20.57 13.48
N GLY A 332 -12.40 19.46 14.21
CA GLY A 332 -13.52 18.54 14.21
C GLY A 332 -13.87 18.12 12.80
N GLN A 333 -12.86 17.65 12.06
CA GLN A 333 -13.03 17.17 10.69
C GLN A 333 -12.77 15.67 10.65
N THR A 334 -13.46 14.98 9.74
CA THR A 334 -13.26 13.56 9.49
C THR A 334 -13.09 13.38 7.98
N TRP A 335 -12.05 12.65 7.57
CA TRP A 335 -11.89 12.21 6.18
C TRP A 335 -12.55 10.87 6.04
N TYR A 336 -13.50 10.76 5.11
CA TYR A 336 -14.12 9.50 4.78
C TYR A 336 -13.53 8.99 3.45
N CYS A 337 -12.70 7.95 3.52
CA CYS A 337 -12.08 7.33 2.33
C CYS A 337 -12.61 5.91 2.18
N VAL A 338 -13.51 5.70 1.22
CA VAL A 338 -14.18 4.43 1.03
C VAL A 338 -14.17 4.08 -0.45
N GLY A 339 -13.29 3.16 -0.83
CA GLY A 339 -13.28 2.64 -2.19
C GLY A 339 -12.05 2.86 -3.06
N PRO A 340 -11.42 4.04 -3.02
CA PRO A 340 -10.33 4.33 -3.96
C PRO A 340 -9.12 3.41 -3.93
N THR A 341 -8.44 3.40 -5.06
CA THR A 341 -7.13 2.81 -5.21
C THR A 341 -6.17 3.92 -5.59
N ILE A 342 -5.01 4.00 -4.92
CA ILE A 342 -3.93 4.83 -5.41
C ILE A 342 -2.85 3.96 -6.04
N ASN A 343 -2.24 4.48 -7.10
CA ASN A 343 -1.18 3.80 -7.83
C ASN A 343 0.03 4.72 -7.90
N ALA A 344 1.21 4.15 -7.79
CA ALA A 344 2.47 4.85 -8.11
C ALA A 344 2.63 6.20 -7.41
N PRO A 345 2.53 6.24 -6.09
CA PRO A 345 2.80 7.47 -5.35
C PRO A 345 4.29 7.86 -5.45
N PRO A 346 4.58 9.16 -5.68
CA PRO A 346 5.96 9.63 -5.71
C PRO A 346 6.56 9.85 -4.31
N PHE A 347 5.72 9.91 -3.29
CA PHE A 347 6.16 10.26 -1.93
C PHE A 347 5.21 9.67 -0.86
N ASN A 348 5.25 10.22 0.35
CA ASN A 348 4.30 9.86 1.37
C ASN A 348 2.89 9.96 0.79
N THR A 349 2.01 9.02 1.09
CA THR A 349 0.72 9.00 0.38
C THR A 349 -0.34 9.94 0.93
N MET A 350 -0.32 10.23 2.23
CA MET A 350 -1.36 11.07 2.80
C MET A 350 -0.88 11.84 4.03
N ASP A 351 -1.23 13.12 4.09
CA ASP A 351 -1.01 13.96 5.28
C ASP A 351 -2.04 15.08 5.29
N PHE A 352 -2.70 15.28 6.43
CA PHE A 352 -3.60 16.42 6.61
C PHE A 352 -3.03 17.29 7.73
N ASN A 353 -2.58 18.49 7.36
CA ASN A 353 -1.88 19.43 8.25
C ASN A 353 -2.71 20.67 8.59
N GLY A 354 -2.28 21.37 9.65
CA GLY A 354 -2.80 22.70 9.95
C GLY A 354 -3.39 22.85 11.34
N ASN A 355 -4.21 21.87 11.74
CA ASN A 355 -4.71 21.76 13.10
C ASN A 355 -4.44 20.32 13.57
N SER A 356 -4.66 20.07 14.86
CA SER A 356 -4.54 18.74 15.43
C SER A 356 -5.87 18.00 15.32
N GLY A 357 -6.95 18.74 15.10
CA GLY A 357 -8.28 18.16 15.02
C GLY A 357 -8.57 17.50 13.68
N ILE A 358 -8.32 16.19 13.62
CA ILE A 358 -8.54 15.40 12.40
C ILE A 358 -8.63 13.91 12.73
N SER A 359 -9.52 13.20 12.03
CA SER A 359 -9.61 11.74 12.08
C SER A 359 -9.99 11.25 10.69
N SER A 360 -9.95 9.93 10.48
CA SER A 360 -10.34 9.33 9.20
C SER A 360 -11.12 8.05 9.41
N GLN A 361 -12.09 7.80 8.53
CA GLN A 361 -12.72 6.51 8.41
C GLN A 361 -12.26 5.99 7.06
N ILE A 362 -11.35 5.02 7.06
CA ILE A 362 -10.72 4.49 5.83
C ILE A 362 -11.13 3.04 5.65
N SER A 363 -11.78 2.71 4.53
CA SER A 363 -12.10 1.32 4.25
C SER A 363 -12.13 1.04 2.77
N ASP A 364 -11.96 -0.23 2.42
CA ASP A 364 -12.01 -0.68 1.04
C ASP A 364 -11.09 0.22 0.24
N TYR A 365 -9.86 0.30 0.71
CA TYR A 365 -8.89 1.27 0.23
C TYR A 365 -7.59 0.56 -0.10
N LYS A 366 -7.10 0.79 -1.30
CA LYS A 366 -5.98 0.03 -1.87
C LYS A 366 -4.83 0.93 -2.32
N GLN A 367 -3.60 0.44 -2.18
CA GLN A 367 -2.40 1.14 -2.64
C GLN A 367 -1.50 0.14 -3.38
N VAL A 368 -1.20 0.44 -4.63
CA VAL A 368 -0.44 -0.46 -5.50
C VAL A 368 0.69 0.28 -6.21
N GLY A 369 1.69 -0.46 -6.67
CA GLY A 369 2.78 0.10 -7.47
C GLY A 369 3.65 1.10 -6.73
N ALA A 370 3.81 0.90 -5.43
CA ALA A 370 4.55 1.80 -4.55
C ALA A 370 5.99 1.32 -4.37
N PHE A 371 6.77 1.38 -5.45
CA PHE A 371 8.12 0.82 -5.48
C PHE A 371 9.15 1.80 -4.93
N PHE A 372 8.83 3.09 -4.95
CA PHE A 372 9.74 4.13 -4.45
C PHE A 372 9.87 4.08 -2.93
N PHE A 373 11.04 4.45 -2.40
CA PHE A 373 11.15 4.76 -0.98
C PHE A 373 10.12 5.82 -0.60
N GLN A 374 9.78 5.86 0.69
CA GLN A 374 8.97 6.93 1.28
C GLN A 374 7.48 6.85 0.92
N THR A 375 7.05 5.71 0.38
CA THR A 375 5.66 5.51 0.00
C THR A 375 4.86 4.91 1.15
N ASP A 376 4.80 5.65 2.25
CA ASP A 376 4.16 5.08 3.43
C ASP A 376 2.67 5.01 3.27
N GLY A 377 2.02 4.21 4.10
CA GLY A 377 0.58 4.24 4.22
C GLY A 377 0.08 5.57 4.74
N PRO A 378 -1.24 5.70 4.81
CA PRO A 378 -1.85 6.94 5.28
C PRO A 378 -1.64 7.15 6.77
N GLU A 379 -1.63 8.40 7.21
CA GLU A 379 -1.58 8.69 8.63
C GLU A 379 -2.82 8.07 9.30
N ILE A 380 -2.63 7.65 10.55
CA ILE A 380 -3.67 7.03 11.34
C ILE A 380 -3.98 8.00 12.48
N TYR A 381 -4.75 9.03 12.14
CA TYR A 381 -5.06 10.11 13.06
C TYR A 381 -5.92 9.63 14.23
N PRO A 382 -6.00 10.43 15.30
CA PRO A 382 -6.75 10.00 16.49
C PRO A 382 -8.15 9.46 16.20
N ASN A 383 -8.49 8.34 16.84
CA ASN A 383 -9.78 7.66 16.76
C ASN A 383 -10.18 7.19 15.35
N SER A 384 -9.22 7.09 14.45
CA SER A 384 -9.48 6.62 13.08
C SER A 384 -9.98 5.17 13.12
N VAL A 385 -10.84 4.80 12.19
CA VAL A 385 -11.28 3.43 12.03
C VAL A 385 -10.88 3.01 10.62
N VAL A 386 -9.94 2.09 10.54
CA VAL A 386 -9.44 1.58 9.27
C VAL A 386 -9.81 0.11 9.16
N HIS A 387 -10.41 -0.30 8.04
CA HIS A 387 -10.68 -1.71 7.84
C HIS A 387 -10.68 -2.11 6.36
N ASP A 388 -10.22 -3.33 6.10
CA ASP A 388 -10.28 -3.92 4.76
C ASP A 388 -9.46 -3.11 3.77
N VAL A 389 -8.16 -3.15 4.00
CA VAL A 389 -7.20 -2.43 3.16
C VAL A 389 -6.15 -3.39 2.62
N PHE A 390 -5.54 -2.99 1.51
CA PHE A 390 -4.46 -3.75 0.89
C PHE A 390 -3.46 -2.72 0.41
N TRP A 391 -2.32 -2.64 1.08
CA TRP A 391 -1.31 -1.62 0.79
C TRP A 391 0.05 -2.21 0.45
N HIS A 392 0.50 -1.92 -0.76
CA HIS A 392 1.87 -2.14 -1.20
C HIS A 392 2.67 -0.92 -0.79
N VAL A 393 3.78 -1.12 -0.05
CA VAL A 393 4.58 -0.03 0.50
C VAL A 393 6.10 -0.25 0.42
N ASN A 394 6.85 0.83 0.26
CA ASN A 394 8.29 0.80 0.44
C ASN A 394 8.70 1.82 1.49
N ASP A 395 7.79 1.98 2.44
CA ASP A 395 8.06 2.65 3.71
C ASP A 395 7.03 2.27 4.76
N ASP A 396 7.04 2.98 5.89
CA ASP A 396 6.15 2.69 7.02
C ASP A 396 4.74 2.38 6.55
N ALA A 397 4.21 1.21 6.93
CA ALA A 397 2.87 0.78 6.46
C ALA A 397 1.76 1.33 7.34
N ILE A 398 1.86 1.07 8.64
CA ILE A 398 0.84 1.45 9.62
C ILE A 398 1.52 2.32 10.68
N LYS A 399 1.26 3.62 10.62
CA LYS A 399 1.94 4.61 11.44
C LYS A 399 1.10 4.92 12.68
N ILE A 400 1.36 4.20 13.76
CA ILE A 400 0.64 4.43 15.01
C ILE A 400 1.30 5.57 15.79
N TYR A 401 0.81 6.78 15.53
CA TYR A 401 1.30 7.98 16.19
C TYR A 401 0.22 8.59 17.11
N TYR A 402 -0.99 8.03 17.12
CA TYR A 402 -2.16 8.65 17.75
C TYR A 402 -3.07 7.64 18.48
N SER A 403 -3.67 8.07 19.59
CA SER A 403 -4.55 7.23 20.38
C SER A 403 -5.91 6.92 19.76
N GLY A 404 -6.49 5.79 20.15
CA GLY A 404 -7.89 5.51 19.91
C GLY A 404 -8.19 4.87 18.57
N ALA A 405 -7.16 4.70 17.75
CA ALA A 405 -7.34 4.19 16.38
C ALA A 405 -7.52 2.68 16.36
N SER A 406 -8.33 2.19 15.42
CA SER A 406 -8.45 0.76 15.17
C SER A 406 -8.09 0.50 13.71
N VAL A 407 -7.29 -0.54 13.50
CA VAL A 407 -6.94 -1.03 12.16
C VAL A 407 -7.31 -2.50 12.15
N SER A 408 -8.14 -2.90 11.19
CA SER A 408 -8.67 -4.24 11.12
C SER A 408 -8.60 -4.76 9.69
N ARG A 409 -8.16 -6.00 9.51
CA ARG A 409 -8.17 -6.68 8.21
C ARG A 409 -7.36 -5.88 7.20
N ALA A 410 -6.09 -5.70 7.54
CA ALA A 410 -5.09 -5.03 6.70
C ALA A 410 -4.12 -6.05 6.14
N THR A 411 -3.97 -6.03 4.82
CA THR A 411 -2.98 -6.86 4.14
C THR A 411 -1.88 -5.94 3.61
N ILE A 412 -0.63 -6.23 3.98
CA ILE A 412 0.52 -5.41 3.62
C ILE A 412 1.49 -6.21 2.76
N TRP A 413 1.90 -5.58 1.66
CA TRP A 413 2.92 -6.08 0.77
C TRP A 413 4.09 -5.10 0.86
N LYS A 414 5.07 -5.47 1.68
CA LYS A 414 6.28 -4.67 1.94
C LYS A 414 7.41 -4.92 0.95
N CYS A 415 8.09 -3.85 0.54
CA CYS A 415 9.28 -3.94 -0.27
C CYS A 415 10.49 -4.09 0.67
N HIS A 416 11.31 -3.06 0.88
CA HIS A 416 12.55 -3.23 1.63
C HIS A 416 12.93 -2.05 2.51
N ASN A 417 11.96 -1.28 2.99
CA ASN A 417 12.32 -0.15 3.84
C ASN A 417 11.31 0.12 4.94
N ASP A 418 11.83 0.23 6.16
CA ASP A 418 11.04 0.60 7.34
C ASP A 418 10.08 -0.52 7.74
N PRO A 419 9.51 -0.45 8.94
CA PRO A 419 8.69 -1.56 9.47
C PRO A 419 7.28 -1.64 8.92
N ILE A 420 6.55 -2.65 9.37
CA ILE A 420 5.14 -2.72 9.07
C ILE A 420 4.38 -1.72 9.95
N ILE A 421 4.43 -1.91 11.26
CA ILE A 421 3.91 -0.94 12.23
C ILE A 421 5.08 -0.06 12.65
N GLN A 422 4.89 1.26 12.58
CA GLN A 422 5.89 2.24 13.00
C GLN A 422 5.30 3.08 14.11
N MET A 423 6.08 3.24 15.18
CA MET A 423 5.67 4.01 16.36
C MET A 423 6.73 5.00 16.84
N GLY A 424 7.84 5.12 16.13
CA GLY A 424 9.01 5.86 16.59
C GLY A 424 9.16 7.22 15.94
N TRP A 425 10.41 7.63 15.74
CA TRP A 425 10.83 8.93 15.17
C TRP A 425 10.83 10.03 16.24
N THR A 426 9.90 9.93 17.20
CA THR A 426 9.87 10.83 18.35
C THR A 426 9.13 10.16 19.50
N SER A 427 9.23 10.78 20.69
CA SER A 427 8.52 10.29 21.87
C SER A 427 7.02 10.56 21.72
N ARG A 428 6.19 9.58 22.06
CA ARG A 428 4.74 9.67 21.86
C ARG A 428 3.95 9.11 23.05
N ASP A 429 2.81 9.74 23.35
CA ASP A 429 1.84 9.22 24.31
C ASP A 429 0.66 8.66 23.53
N ILE A 430 0.50 7.34 23.58
CA ILE A 430 -0.52 6.64 22.82
C ILE A 430 -1.19 5.59 23.69
N SER A 431 -2.52 5.55 23.66
CA SER A 431 -3.30 4.47 24.24
C SER A 431 -4.55 4.18 23.39
N GLY A 432 -5.18 3.05 23.68
CA GLY A 432 -6.47 2.72 23.10
C GLY A 432 -6.44 2.34 21.63
N VAL A 433 -5.28 1.89 21.15
CA VAL A 433 -5.13 1.41 19.77
C VAL A 433 -5.26 -0.11 19.67
N THR A 434 -5.99 -0.58 18.66
CA THR A 434 -6.10 -2.00 18.35
C THR A 434 -5.77 -2.18 16.86
N ILE A 435 -4.89 -3.11 16.59
CA ILE A 435 -4.64 -3.63 15.25
C ILE A 435 -4.98 -5.11 15.27
N ASP A 436 -5.98 -5.53 14.51
CA ASP A 436 -6.37 -6.93 14.45
C ASP A 436 -6.46 -7.44 13.02
N THR A 437 -6.00 -8.66 12.81
CA THR A 437 -5.98 -9.34 11.51
C THR A 437 -5.09 -8.58 10.52
N LEU A 438 -3.79 -8.72 10.78
CA LEU A 438 -2.74 -8.07 9.98
C LEU A 438 -2.01 -9.17 9.24
N ASN A 439 -2.08 -9.16 7.92
CA ASN A 439 -1.43 -10.17 7.10
C ASN A 439 -0.33 -9.52 6.28
N VAL A 440 0.91 -9.87 6.59
CA VAL A 440 2.09 -9.35 5.88
C VAL A 440 2.46 -10.44 4.89
N ILE A 441 2.10 -10.23 3.64
CA ILE A 441 2.20 -11.30 2.65
C ILE A 441 3.52 -11.37 1.92
N HIS A 442 4.30 -10.29 1.93
CA HIS A 442 5.64 -10.27 1.37
C HIS A 442 6.50 -9.21 2.03
N THR A 443 7.78 -9.52 2.17
CA THR A 443 8.85 -8.55 2.48
C THR A 443 10.06 -8.97 1.67
N ARG A 444 10.99 -8.04 1.45
CA ARG A 444 12.23 -8.38 0.75
C ARG A 444 13.35 -7.42 1.18
N TYR A 445 13.54 -7.30 2.49
CA TYR A 445 14.60 -6.45 3.05
C TYR A 445 16.01 -6.84 2.55
N ILE A 446 16.73 -5.85 2.04
CA ILE A 446 18.11 -6.01 1.58
C ILE A 446 19.02 -6.07 2.79
N LYS A 447 18.78 -5.14 3.71
CA LYS A 447 19.62 -4.89 4.87
C LYS A 447 18.91 -5.15 6.20
N SER A 448 19.68 -5.56 7.20
CA SER A 448 19.18 -5.62 8.57
C SER A 448 19.41 -4.24 9.18
N GLU A 449 18.35 -3.54 9.56
CA GLU A 449 18.46 -2.16 10.03
C GLU A 449 17.60 -1.88 11.26
N THR A 450 18.05 -0.90 12.05
CA THR A 450 17.30 -0.37 13.18
C THR A 450 16.91 1.11 13.03
N VAL A 451 17.72 1.89 12.35
CA VAL A 451 17.38 3.29 12.07
C VAL A 451 16.09 3.37 11.25
N VAL A 452 15.97 2.49 10.26
CA VAL A 452 14.71 2.20 9.60
C VAL A 452 14.43 0.72 9.89
N PRO A 453 13.67 0.45 10.95
CA PRO A 453 13.54 -0.92 11.47
C PRO A 453 13.01 -1.93 10.46
N SER A 454 13.80 -2.97 10.21
CA SER A 454 13.41 -4.08 9.34
C SER A 454 12.74 -5.10 10.25
N ALA A 455 11.45 -4.84 10.49
CA ALA A 455 10.66 -5.55 11.50
C ALA A 455 9.16 -5.41 11.27
N ILE A 456 8.39 -6.32 11.88
CA ILE A 456 6.93 -6.21 11.86
C ILE A 456 6.51 -5.04 12.73
N ILE A 457 6.99 -5.01 13.96
CA ILE A 457 6.66 -3.96 14.93
C ILE A 457 7.93 -3.18 15.19
N GLY A 458 7.97 -1.93 14.75
CA GLY A 458 9.18 -1.14 14.85
C GLY A 458 8.99 0.24 15.41
N ALA A 459 10.08 0.77 15.94
CA ALA A 459 10.15 2.16 16.36
C ALA A 459 11.53 2.70 16.02
N SER A 460 11.57 3.60 15.05
CA SER A 460 12.80 4.25 14.65
C SER A 460 13.33 5.14 15.77
N PRO A 461 14.64 5.32 15.86
CA PRO A 461 15.19 6.36 16.76
C PRO A 461 14.77 7.77 16.31
N PHE A 462 15.29 8.79 17.00
CA PHE A 462 14.86 10.16 16.74
C PHE A 462 15.20 10.62 15.30
N TYR A 463 14.24 11.27 14.63
CA TYR A 463 14.43 11.79 13.27
C TYR A 463 15.32 13.02 13.29
N ALA A 464 14.99 13.96 14.18
CA ALA A 464 15.80 15.16 14.40
C ALA A 464 16.78 14.92 15.55
N SER A 465 17.93 15.59 15.49
CA SER A 465 18.95 15.49 16.54
C SER A 465 18.58 16.32 17.78
N GLY A 466 19.33 16.14 18.86
CA GLY A 466 19.16 16.93 20.07
C GLY A 466 17.90 16.62 20.86
N MET A 467 17.47 15.36 20.85
CA MET A 467 16.29 14.92 21.59
C MET A 467 16.69 13.86 22.62
N SER A 468 15.89 13.75 23.68
CA SER A 468 16.09 12.72 24.71
C SER A 468 14.80 11.91 24.88
N PRO A 469 14.92 10.62 25.22
CA PRO A 469 13.73 9.81 25.55
C PRO A 469 12.98 10.38 26.76
N ASP A 470 11.66 10.28 26.72
CA ASP A 470 10.77 10.88 27.71
C ASP A 470 10.11 9.83 28.60
N SER A 471 10.52 9.78 29.85
CA SER A 471 10.00 8.81 30.82
C SER A 471 8.55 9.08 31.30
N ARG A 472 7.99 10.25 31.00
CA ARG A 472 6.59 10.48 31.37
C ARG A 472 5.60 10.29 30.22
N LYS A 473 6.10 9.80 29.08
CA LYS A 473 5.23 9.36 27.98
C LYS A 473 5.21 7.83 27.93
N SER A 474 4.11 7.28 27.42
CA SER A 474 4.01 5.83 27.22
C SER A 474 3.13 5.45 26.03
N ILE A 475 3.45 4.30 25.44
CA ILE A 475 2.70 3.72 24.33
C ILE A 475 2.06 2.42 24.80
N SER A 476 0.75 2.31 24.61
CA SER A 476 0.00 1.12 24.91
C SER A 476 -0.89 0.78 23.71
N MET A 477 -0.89 -0.48 23.31
CA MET A 477 -1.78 -0.93 22.24
C MET A 477 -1.96 -2.44 22.30
N THR A 478 -2.91 -2.95 21.51
CA THR A 478 -3.12 -4.37 21.36
C THR A 478 -2.99 -4.72 19.89
N VAL A 479 -2.07 -5.61 19.58
CA VAL A 479 -1.89 -6.10 18.21
C VAL A 479 -2.22 -7.59 18.25
N SER A 480 -3.20 -8.01 17.46
CA SER A 480 -3.65 -9.41 17.49
C SER A 480 -3.86 -10.01 16.09
N ASN A 481 -3.71 -11.33 15.99
CA ASN A 481 -3.95 -12.11 14.77
C ASN A 481 -3.10 -11.61 13.62
N VAL A 482 -1.80 -11.72 13.82
CA VAL A 482 -0.79 -11.32 12.84
C VAL A 482 -0.21 -12.57 12.19
N VAL A 483 -0.04 -12.50 10.87
CA VAL A 483 0.68 -13.51 10.12
C VAL A 483 1.67 -12.80 9.20
N CYS A 484 2.92 -13.25 9.24
CA CYS A 484 3.91 -12.87 8.25
C CYS A 484 4.27 -14.13 7.42
N GLU A 485 4.21 -14.01 6.11
CA GLU A 485 4.39 -15.12 5.20
C GLU A 485 5.75 -15.00 4.53
N GLY A 486 6.42 -16.13 4.31
CA GLY A 486 7.76 -16.15 3.76
C GLY A 486 8.82 -16.12 4.84
N LEU A 487 10.09 -16.16 4.41
CA LEU A 487 11.22 -16.07 5.34
C LEU A 487 11.24 -14.65 5.89
N CYS A 488 10.73 -14.50 7.10
CA CYS A 488 10.32 -13.20 7.59
C CYS A 488 11.37 -12.43 8.39
N PRO A 489 11.16 -11.11 8.44
CA PRO A 489 11.96 -10.25 9.31
C PRO A 489 11.51 -10.38 10.76
N SER A 490 12.30 -9.77 11.64
CA SER A 490 12.09 -9.80 13.07
C SER A 490 10.73 -9.29 13.49
N LEU A 491 10.21 -9.81 14.60
CA LEU A 491 8.96 -9.35 15.12
C LEU A 491 9.06 -7.92 15.67
N PHE A 492 10.14 -7.62 16.41
CA PHE A 492 10.29 -6.34 17.11
C PHE A 492 11.65 -5.70 16.87
N ARG A 493 11.67 -4.45 16.40
CA ARG A 493 12.86 -3.61 16.50
C ARG A 493 12.45 -2.23 16.99
N ILE A 494 12.59 -2.03 18.30
CA ILE A 494 12.11 -0.85 18.96
C ILE A 494 13.26 -0.15 19.66
N THR A 495 13.58 1.06 19.22
CA THR A 495 14.44 1.99 19.96
C THR A 495 13.48 2.74 20.89
N PRO A 496 13.52 2.49 22.20
CA PRO A 496 12.54 3.11 23.11
C PRO A 496 12.78 4.60 23.27
N LEU A 497 11.81 5.40 22.85
CA LEU A 497 11.85 6.85 23.01
C LEU A 497 10.94 7.28 24.16
N GLN A 498 10.22 6.31 24.70
CA GLN A 498 9.38 6.51 25.88
C GLN A 498 9.03 5.13 26.44
N ASN A 499 8.24 5.11 27.50
CA ASN A 499 7.79 3.84 28.07
C ASN A 499 6.90 3.05 27.11
N TYR A 500 6.96 1.73 27.23
CA TYR A 500 5.93 0.83 26.71
C TYR A 500 5.23 0.18 27.90
N LYS A 501 3.90 0.20 27.88
CA LYS A 501 3.11 -0.39 28.96
C LYS A 501 1.78 -0.94 28.44
N ASN A 502 1.37 -2.08 28.98
CA ASN A 502 0.15 -2.77 28.59
C ASN A 502 0.12 -2.88 27.07
N PHE A 503 1.22 -3.40 26.53
CA PHE A 503 1.42 -3.52 25.10
C PHE A 503 1.26 -4.99 24.77
N VAL A 504 0.10 -5.34 24.25
CA VAL A 504 -0.31 -6.72 24.04
C VAL A 504 -0.04 -7.13 22.60
N VAL A 505 0.68 -8.23 22.43
CA VAL A 505 0.86 -8.84 21.12
C VAL A 505 0.44 -10.29 21.23
N LYS A 506 -0.69 -10.65 20.60
CA LYS A 506 -1.24 -12.00 20.74
C LYS A 506 -1.66 -12.63 19.41
N ASN A 507 -1.40 -13.92 19.28
CA ASN A 507 -1.71 -14.71 18.07
C ASN A 507 -0.89 -14.19 16.90
N VAL A 508 0.40 -14.50 16.91
CA VAL A 508 1.34 -14.07 15.87
C VAL A 508 2.06 -15.27 15.31
N ALA A 509 1.98 -15.46 14.01
CA ALA A 509 2.51 -16.64 13.37
C ALA A 509 3.45 -16.29 12.22
N PHE A 510 4.55 -17.02 12.15
CA PHE A 510 5.51 -16.96 11.07
C PHE A 510 5.60 -18.37 10.49
N PRO A 511 4.59 -18.81 9.74
CA PRO A 511 4.54 -20.21 9.27
C PRO A 511 5.73 -20.70 8.46
N ASP A 512 6.43 -19.78 7.80
CA ASP A 512 7.57 -20.14 6.97
C ASP A 512 8.91 -19.88 7.64
N GLY A 513 8.86 -19.40 8.88
CA GLY A 513 10.01 -19.16 9.72
C GLY A 513 10.53 -17.75 9.60
N LEU A 514 11.39 -17.37 10.54
CA LEU A 514 12.19 -16.15 10.45
C LEU A 514 13.42 -16.42 9.61
N GLN A 515 13.94 -15.37 8.99
CA GLN A 515 15.27 -15.43 8.42
C GLN A 515 16.29 -15.80 9.50
N THR A 516 17.23 -16.68 9.16
CA THR A 516 18.30 -17.09 10.07
C THR A 516 19.67 -16.92 9.40
N ASN A 517 19.73 -16.05 8.41
CA ASN A 517 20.92 -15.84 7.61
C ASN A 517 21.89 -14.85 8.28
N SER A 518 23.05 -14.66 7.66
CA SER A 518 24.08 -13.79 8.21
C SER A 518 23.77 -12.30 8.10
N ILE A 519 22.75 -11.92 7.32
CA ILE A 519 22.34 -10.52 7.29
C ILE A 519 21.80 -10.12 8.67
N GLY A 520 21.07 -11.03 9.29
CA GLY A 520 20.58 -10.87 10.65
C GLY A 520 19.21 -10.23 10.81
N THR A 521 18.50 -10.09 9.70
CA THR A 521 17.19 -9.43 9.68
C THR A 521 16.15 -10.09 10.56
N GLY A 522 16.29 -11.39 10.77
CA GLY A 522 15.38 -12.14 11.61
C GLY A 522 15.41 -11.80 13.10
N GLU A 523 16.47 -11.14 13.55
CA GLU A 523 16.67 -10.92 14.97
C GLU A 523 15.92 -9.69 15.46
N SER A 524 15.12 -9.87 16.49
CA SER A 524 14.44 -8.76 17.15
C SER A 524 15.44 -8.05 18.06
N ILE A 525 15.36 -6.73 18.11
CA ILE A 525 16.31 -5.90 18.86
C ILE A 525 15.58 -4.81 19.63
N ILE A 526 15.67 -4.86 20.96
CA ILE A 526 15.16 -3.80 21.81
C ILE A 526 16.28 -3.42 22.76
N PRO A 527 17.06 -2.40 22.42
CA PRO A 527 18.21 -2.01 23.26
C PRO A 527 17.80 -1.36 24.57
N ALA A 528 18.76 -1.32 25.49
CA ALA A 528 18.61 -0.61 26.76
C ALA A 528 18.22 0.84 26.56
N ALA A 529 17.37 1.35 27.45
CA ALA A 529 17.01 2.74 27.46
C ALA A 529 16.72 3.08 28.91
N SER A 530 17.67 3.77 29.54
CA SER A 530 17.63 3.97 30.97
C SER A 530 16.38 4.71 31.43
N GLY A 531 15.69 4.14 32.42
CA GLY A 531 14.53 4.76 33.02
C GLY A 531 13.19 4.41 32.37
N LEU A 532 13.23 3.59 31.31
CA LEU A 532 12.01 3.25 30.56
C LEU A 532 11.60 1.80 30.72
N THR A 533 10.29 1.56 30.76
CA THR A 533 9.75 0.20 30.92
C THR A 533 9.44 -0.40 29.56
N MET A 534 9.48 -1.72 29.49
CA MET A 534 9.15 -2.44 28.27
C MET A 534 8.09 -3.45 28.64
N GLY A 535 6.89 -2.96 28.87
CA GLY A 535 5.79 -3.78 29.33
C GLY A 535 5.08 -4.51 28.20
N LEU A 536 5.76 -5.48 27.59
CA LEU A 536 5.21 -6.25 26.48
C LEU A 536 4.60 -7.55 26.98
N ALA A 537 3.33 -7.79 26.65
CA ALA A 537 2.69 -9.06 26.99
C ALA A 537 2.40 -9.82 25.69
N ILE A 538 3.27 -10.78 25.40
CA ILE A 538 3.24 -11.55 24.16
C ILE A 538 2.68 -12.94 24.43
N SER A 539 1.75 -13.39 23.60
CA SER A 539 1.22 -14.73 23.72
C SER A 539 0.87 -15.33 22.37
N ALA A 540 0.92 -16.66 22.30
CA ALA A 540 0.60 -17.40 21.09
C ALA A 540 1.42 -16.92 19.89
N TRP A 541 2.72 -16.78 20.12
CA TRP A 541 3.69 -16.49 19.08
C TRP A 541 4.27 -17.82 18.64
N THR A 542 4.07 -18.17 17.37
CA THR A 542 4.65 -19.37 16.79
C THR A 542 5.52 -19.02 15.61
N ILE A 543 6.51 -19.87 15.35
CA ILE A 543 7.41 -19.76 14.22
C ILE A 543 7.59 -21.14 13.62
N GLY A 544 7.22 -21.31 12.37
CA GLY A 544 7.39 -22.57 11.68
C GLY A 544 6.57 -23.68 12.32
N GLY A 545 5.46 -23.31 12.96
CA GLY A 545 4.56 -24.25 13.59
C GLY A 545 4.92 -24.55 15.04
N GLN A 546 6.08 -24.04 15.49
CA GLN A 546 6.57 -24.32 16.86
C GLN A 546 6.33 -23.09 17.74
N LYS A 547 5.94 -23.33 18.98
CA LYS A 547 5.63 -22.24 19.90
C LYS A 547 6.91 -21.58 20.42
N VAL A 548 6.87 -20.25 20.54
CA VAL A 548 7.91 -19.48 21.22
C VAL A 548 7.49 -19.31 22.67
N THR A 549 8.40 -19.68 23.56
CA THR A 549 8.15 -19.72 25.00
C THR A 549 9.29 -19.03 25.72
N MET A 550 9.23 -19.03 27.05
CA MET A 550 10.29 -18.45 27.88
C MET A 550 11.61 -19.24 27.82
N GLU A 551 11.62 -20.45 27.23
CA GLU A 551 12.88 -21.19 27.09
C GLU A 551 13.50 -21.22 25.68
N ASN A 552 12.84 -20.66 24.68
CA ASN A 552 13.44 -20.59 23.34
C ASN A 552 13.28 -19.22 22.67
N PHE A 553 12.96 -18.19 23.45
CA PHE A 553 12.80 -16.83 22.91
C PHE A 553 14.10 -16.19 22.49
N GLN A 554 15.19 -16.62 23.10
CA GLN A 554 16.43 -15.84 23.11
C GLN A 554 17.09 -15.64 21.73
N ALA A 555 18.06 -14.73 21.71
CA ALA A 555 18.72 -14.28 20.49
C ALA A 555 19.20 -15.42 19.61
N ASN A 556 19.82 -16.45 20.22
CA ASN A 556 20.40 -17.58 19.48
C ASN A 556 19.50 -18.81 19.40
N SER A 557 18.22 -18.64 19.72
CA SER A 557 17.22 -19.71 19.68
C SER A 557 16.10 -19.33 18.72
N LEU A 558 14.89 -19.87 18.92
CA LEU A 558 13.84 -19.78 17.93
C LEU A 558 13.30 -18.37 17.73
N GLY A 559 13.03 -17.68 18.84
CA GLY A 559 12.40 -16.38 18.78
C GLY A 559 13.33 -15.28 18.27
N GLN A 560 14.64 -15.51 18.42
CA GLN A 560 15.66 -14.52 18.11
C GLN A 560 15.37 -13.16 18.75
N PHE A 561 14.90 -13.18 20.00
CA PHE A 561 14.39 -11.97 20.65
C PHE A 561 15.46 -11.33 21.53
N ASN A 562 16.28 -10.47 20.92
CA ASN A 562 17.35 -9.77 21.63
C ASN A 562 16.82 -8.52 22.34
N ILE A 563 15.95 -8.76 23.31
CA ILE A 563 15.49 -7.72 24.21
C ILE A 563 16.51 -7.61 25.33
N ASP A 564 16.93 -6.38 25.61
CA ASP A 564 17.98 -6.11 26.59
C ASP A 564 17.59 -6.69 27.93
N GLY A 565 18.55 -7.32 28.59
CA GLY A 565 18.36 -7.88 29.92
C GLY A 565 17.87 -6.93 31.00
N SER A 566 18.10 -5.62 30.83
CA SER A 566 17.64 -4.62 31.80
C SER A 566 16.11 -4.60 32.00
N TYR A 567 15.37 -5.07 31.00
CA TYR A 567 13.91 -5.11 31.07
C TYR A 567 13.35 -6.38 31.71
N TRP A 568 14.22 -7.26 32.20
CA TRP A 568 13.78 -8.55 32.71
C TRP A 568 12.71 -8.34 33.78
N GLY A 569 11.66 -9.14 33.71
CA GLY A 569 10.50 -9.02 34.57
C GLY A 569 9.38 -8.10 34.12
N GLU A 570 9.66 -7.20 33.18
CA GLU A 570 8.65 -6.23 32.73
C GLU A 570 7.78 -6.79 31.61
N TRP A 571 8.32 -7.80 30.92
CA TRP A 571 7.66 -8.41 29.77
C TRP A 571 7.46 -9.90 30.02
N GLN A 572 6.52 -10.48 29.29
CA GLN A 572 6.29 -11.91 29.38
C GLN A 572 5.91 -12.50 28.02
N ILE A 573 6.38 -13.72 27.76
CA ILE A 573 5.91 -14.56 26.67
C ILE A 573 5.20 -15.77 27.27
N SER A 574 3.97 -16.02 26.84
CA SER A 574 3.21 -17.19 27.27
C SER A 574 2.38 -17.78 26.13
C2 BGC B . 20.29 4.18 5.71
C3 BGC B . 20.03 3.31 4.48
C4 BGC B . 18.54 3.29 4.19
C5 BGC B . 18.00 4.73 4.12
C6 BGC B . 16.51 4.82 3.86
C1 BGC B . 19.64 5.56 5.58
O1 BGC B . 19.78 6.29 6.78
O2 BGC B . 21.68 4.32 5.91
O3 BGC B . 20.56 2.01 4.68
O4 BGC B . 18.29 2.63 2.96
O5 BGC B . 18.26 5.43 5.32
O6 BGC B . 16.28 6.15 3.44
C1 GLC B . 14.97 6.35 2.88
C2 GLC B . 14.93 7.73 2.25
C3 GLC B . 14.86 8.82 3.34
C4 GLC B . 13.74 8.53 4.34
C5 GLC B . 13.89 7.11 4.89
C6 GLC B . 12.77 6.75 5.85
O2 GLC B . 16.10 7.89 1.48
O3 GLC B . 14.65 10.09 2.76
O4 GLC B . 13.79 9.48 5.40
O5 GLC B . 13.91 6.19 3.81
O6 GLC B . 11.50 7.00 5.29
#